data_4ELJ
#
_entry.id   4ELJ
#
_cell.length_a   51.620
_cell.length_b   129.510
_cell.length_c   135.040
_cell.angle_alpha   90.00
_cell.angle_beta   90.00
_cell.angle_gamma   90.00
#
_symmetry.space_group_name_H-M   'P 21 21 21'
#
loop_
_entity.id
_entity.type
_entity.pdbx_description
1 polymer 'Retinoblastoma-associated protein'
2 water water
#
_entity_poly.entity_id   1
_entity_poly.type   'polypeptide(L)'
_entity_poly.pdbx_seq_one_letter_code
;GEFEEPDFTALCQKLKIPDHVRERAWLTWEKVSSVDGVLGGYIQKKKELWGICIFIAAVDLDEMSFTFTELQKNIEISVH
KFFNLLKEIDTSTKVDNAMSRLLKKYDVLFALFSKLERTCELIYLTQPSSSISTEINSALVLKVSWITFLLAKGEVLQME
DDLVISFQLMLCVLDYFIKLSPPMLLKEPYKTAVIENDTRIIEVLCKEHECNIDEVANVAFKNFIPFMNSLGLVTSNGLP
EVENLSKRYEEIYLKNKDLDARLFLDHDKTLQTDSIDSFETQRTPRKSNLDEEVNVIPPH(TPO)PVRTVMNTIQQLMMI
LNSASDQPSENLISYFNNCTVNPKESILKRVKDIGYIFKEKFAKAVGQGCVEIGSQRYKLGVRLYYRVMESMLKSEEERL
SIQNFSKLLNDNIFHMSLLACALEVVMATYSRSTSQNLDSGTDLSFPWILNVLNLKAFDFYKVIESFIKAEGNLTREMIK
HLERCEHRIMESLAWLSDSPLFDLIKQSKDREGPLKSTSLSLFYKKVYRLAYLRLNTLCERLLSEHPELEHIIWTLFQHT
LQNEYELMRDRHLDQIMMCSMYGICKVKNIDLKFKIIVTAYKDLPHAVQETFKRVLIKEEEYDSIIVFYNSVFMQRLKTN
ILQYASTRPPTLAPIPHIPR
;
_entity_poly.pdbx_strand_id   A
#
# COMPACT_ATOMS: atom_id res chain seq x y z
N PHE A 3 41.64 -7.22 7.48
CA PHE A 3 41.19 -6.17 6.58
C PHE A 3 40.44 -5.08 7.35
N GLU A 4 39.84 -5.46 8.47
CA GLU A 4 38.94 -4.56 9.22
C GLU A 4 39.58 -3.26 9.69
N GLU A 5 39.33 -2.19 8.94
CA GLU A 5 39.75 -0.84 9.31
C GLU A 5 39.31 -0.54 10.75
N PRO A 6 40.08 0.28 11.47
CA PRO A 6 39.75 0.49 12.89
C PRO A 6 38.44 1.27 13.07
N ASP A 7 38.25 2.30 12.24
CA ASP A 7 37.04 3.12 12.29
C ASP A 7 35.76 2.29 12.18
N PHE A 8 35.83 1.21 11.42
CA PHE A 8 34.71 0.28 11.30
C PHE A 8 34.48 -0.47 12.60
N THR A 9 35.52 -1.08 13.14
CA THR A 9 35.43 -1.77 14.43
C THR A 9 35.02 -0.81 15.54
N ALA A 10 35.40 0.45 15.39
CA ALA A 10 34.98 1.49 16.32
C ALA A 10 33.47 1.69 16.27
N LEU A 11 32.95 1.92 15.08
CA LEU A 11 31.52 2.09 14.85
C LEU A 11 30.75 0.87 15.37
N CYS A 12 31.26 -0.32 15.06
CA CYS A 12 30.67 -1.57 15.54
C CYS A 12 30.52 -1.59 17.05
N GLN A 13 31.48 -1.01 17.75
CA GLN A 13 31.45 -0.97 19.21
C GLN A 13 30.45 0.03 19.75
N LYS A 14 30.38 1.21 19.13
CA LYS A 14 29.47 2.25 19.55
C LYS A 14 28.00 1.82 19.43
N LEU A 15 27.74 0.85 18.59
CA LEU A 15 26.38 0.33 18.41
C LEU A 15 26.19 -1.00 19.12
N LYS A 16 27.14 -1.37 19.98
CA LYS A 16 27.10 -2.63 20.71
C LYS A 16 26.89 -3.84 19.81
N ILE A 17 27.49 -3.83 18.63
CA ILE A 17 27.31 -4.90 17.66
C ILE A 17 27.96 -6.20 18.12
N PRO A 18 27.18 -7.29 18.19
CA PRO A 18 27.72 -8.62 18.49
C PRO A 18 28.79 -9.02 17.48
N ASP A 19 29.56 -10.06 17.79
CA ASP A 19 30.67 -10.45 16.92
C ASP A 19 30.23 -11.06 15.58
N HIS A 20 29.19 -11.89 15.59
CA HIS A 20 28.68 -12.47 14.36
C HIS A 20 28.16 -11.38 13.43
N VAL A 21 27.53 -10.36 14.01
CA VAL A 21 27.00 -9.25 13.25
C VAL A 21 28.13 -8.36 12.69
N ARG A 22 29.15 -8.14 13.49
CA ARG A 22 30.31 -7.36 13.07
C ARG A 22 30.99 -8.02 11.87
N GLU A 23 31.21 -9.32 11.98
CA GLU A 23 31.91 -10.09 10.96
C GLU A 23 31.08 -10.33 9.70
N ARG A 24 29.78 -10.03 9.77
CA ARG A 24 28.93 -10.16 8.60
C ARG A 24 28.69 -8.78 7.98
N ALA A 25 28.73 -7.76 8.83
CA ALA A 25 28.69 -6.38 8.35
C ALA A 25 29.95 -6.10 7.55
N TRP A 26 31.05 -6.70 7.97
CA TRP A 26 32.31 -6.51 7.26
C TRP A 26 32.35 -7.28 5.95
N LEU A 27 31.93 -8.54 6.00
CA LEU A 27 31.88 -9.39 4.82
C LEU A 27 31.05 -8.72 3.74
N THR A 28 29.99 -8.03 4.16
CA THR A 28 29.12 -7.30 3.27
C THR A 28 29.84 -6.10 2.63
N TRP A 29 30.61 -5.39 3.44
CA TRP A 29 31.37 -4.24 2.96
C TRP A 29 32.43 -4.67 1.94
N GLU A 30 32.95 -5.89 2.11
CA GLU A 30 33.90 -6.45 1.16
C GLU A 30 33.24 -6.69 -0.19
N LYS A 31 32.11 -7.41 -0.18
CA LYS A 31 31.44 -7.76 -1.42
C LYS A 31 30.84 -6.55 -2.13
N VAL A 32 30.56 -5.49 -1.38
CA VAL A 32 30.01 -4.27 -1.97
C VAL A 32 31.07 -3.39 -2.62
N SER A 33 32.20 -3.21 -1.94
CA SER A 33 33.32 -2.47 -2.52
C SER A 33 33.90 -3.25 -3.69
N SER A 34 33.70 -4.56 -3.69
CA SER A 34 34.19 -5.42 -4.76
C SER A 34 33.51 -5.15 -6.11
N VAL A 35 32.25 -4.74 -6.09
CA VAL A 35 31.50 -4.56 -7.33
C VAL A 35 31.57 -3.14 -7.89
N ASP A 36 31.78 -2.16 -7.01
CA ASP A 36 31.91 -0.76 -7.40
C ASP A 36 30.69 -0.18 -8.13
N GLY A 37 30.71 1.13 -8.37
CA GLY A 37 29.60 1.80 -9.00
C GLY A 37 28.81 2.69 -8.07
N VAL A 38 29.19 2.71 -6.80
CA VAL A 38 28.50 3.52 -5.80
C VAL A 38 29.45 4.60 -5.30
N LEU A 39 30.66 4.13 -4.96
CA LEU A 39 31.73 4.88 -4.29
C LEU A 39 32.30 6.06 -5.08
N LYS A 45 33.61 10.37 2.26
CA LYS A 45 33.13 9.57 3.39
C LYS A 45 32.65 8.20 2.94
N LYS A 46 32.86 7.22 3.79
CA LYS A 46 32.62 5.82 3.48
C LYS A 46 32.01 5.18 4.71
N LYS A 47 31.68 6.04 5.68
CA LYS A 47 31.14 5.61 6.96
C LYS A 47 29.66 5.32 6.82
N GLU A 48 28.97 6.13 6.01
CA GLU A 48 27.55 5.92 5.72
C GLU A 48 27.31 4.49 5.27
N LEU A 49 28.12 4.04 4.31
CA LEU A 49 28.00 2.71 3.75
C LEU A 49 28.27 1.61 4.77
N TRP A 50 29.10 1.90 5.76
CA TRP A 50 29.46 0.92 6.78
C TRP A 50 28.29 0.53 7.66
N GLY A 51 27.60 1.55 8.19
CA GLY A 51 26.44 1.35 9.04
C GLY A 51 25.33 0.63 8.30
N ILE A 52 25.19 0.96 7.01
CA ILE A 52 24.23 0.28 6.15
C ILE A 52 24.57 -1.20 6.06
N CYS A 53 25.86 -1.52 5.91
CA CYS A 53 26.32 -2.90 5.94
C CYS A 53 26.02 -3.55 7.29
N ILE A 54 26.19 -2.77 8.35
CA ILE A 54 25.88 -3.25 9.70
C ILE A 54 24.40 -3.53 9.82
N PHE A 55 23.60 -2.54 9.45
CA PHE A 55 22.16 -2.67 9.42
C PHE A 55 21.69 -3.89 8.63
N ILE A 56 22.29 -4.12 7.47
CA ILE A 56 21.99 -5.28 6.65
C ILE A 56 22.29 -6.57 7.40
N ALA A 57 23.44 -6.60 8.07
CA ALA A 57 23.84 -7.77 8.83
C ALA A 57 22.90 -8.01 10.01
N ALA A 58 22.51 -6.93 10.68
CA ALA A 58 21.67 -7.01 11.87
C ALA A 58 20.20 -7.31 11.58
N VAL A 59 19.82 -7.26 10.31
CA VAL A 59 18.45 -7.60 9.92
C VAL A 59 18.39 -9.04 9.45
N ASP A 60 19.33 -9.42 8.59
CA ASP A 60 19.40 -10.79 8.08
C ASP A 60 19.68 -11.80 9.19
N LEU A 61 20.36 -11.37 10.25
CA LEU A 61 20.74 -12.26 11.34
C LEU A 61 19.78 -12.19 12.52
N ASP A 62 18.78 -11.30 12.41
CA ASP A 62 17.79 -11.10 13.47
C ASP A 62 18.44 -10.70 14.78
N GLU A 63 19.35 -9.73 14.72
CA GLU A 63 20.10 -9.29 15.89
C GLU A 63 20.28 -7.77 15.95
N MET A 64 19.18 -7.04 16.10
CA MET A 64 19.24 -5.58 16.24
C MET A 64 19.63 -5.15 17.66
N SER A 65 20.92 -4.99 17.89
CA SER A 65 21.42 -4.56 19.20
C SER A 65 21.41 -3.04 19.31
N PHE A 66 20.76 -2.39 18.35
CA PHE A 66 20.72 -0.93 18.30
C PHE A 66 19.41 -0.47 17.68
N THR A 67 18.97 0.74 18.06
CA THR A 67 17.80 1.33 17.43
C THR A 67 18.24 2.00 16.15
N PHE A 68 17.32 2.08 15.18
CA PHE A 68 17.64 2.69 13.90
C PHE A 68 18.04 4.15 14.04
N THR A 69 17.49 4.85 15.04
CA THR A 69 17.87 6.23 15.29
C THR A 69 19.32 6.30 15.75
N GLU A 70 19.75 5.33 16.54
CA GLU A 70 21.13 5.25 17.01
C GLU A 70 22.09 5.11 15.83
N LEU A 71 21.76 4.22 14.91
CA LEU A 71 22.57 4.02 13.71
C LEU A 71 22.66 5.31 12.92
N GLN A 72 21.54 6.02 12.85
CA GLN A 72 21.45 7.26 12.10
C GLN A 72 22.25 8.37 12.77
N LYS A 73 22.29 8.34 14.10
CA LYS A 73 23.03 9.34 14.86
C LYS A 73 24.53 9.20 14.62
N ASN A 74 24.97 7.99 14.30
CA ASN A 74 26.39 7.71 14.13
C ASN A 74 26.92 7.96 12.72
N ILE A 75 26.21 7.48 11.71
CA ILE A 75 26.65 7.68 10.33
C ILE A 75 26.10 8.97 9.74
N GLU A 76 25.47 9.77 10.59
CA GLU A 76 24.91 11.08 10.22
C GLU A 76 24.22 11.12 8.84
N ILE A 77 23.26 10.22 8.65
CA ILE A 77 22.58 10.08 7.36
C ILE A 77 21.10 10.45 7.51
N SER A 78 20.46 10.86 6.42
CA SER A 78 19.03 11.12 6.44
C SER A 78 18.26 9.84 6.09
N VAL A 79 17.00 9.78 6.49
CA VAL A 79 16.20 8.56 6.31
C VAL A 79 16.06 8.16 4.85
N HIS A 80 15.73 9.14 4.02
CA HIS A 80 15.58 8.90 2.59
C HIS A 80 16.94 8.60 1.94
N LYS A 81 17.98 9.29 2.39
CA LYS A 81 19.32 9.04 1.88
C LYS A 81 19.75 7.62 2.17
N PHE A 82 19.54 7.17 3.40
CA PHE A 82 19.85 5.81 3.81
C PHE A 82 19.14 4.82 2.90
N PHE A 83 17.85 5.05 2.69
CA PHE A 83 17.02 4.21 1.83
C PHE A 83 17.55 4.16 0.41
N ASN A 84 17.88 5.33 -0.15
CA ASN A 84 18.40 5.41 -1.51
C ASN A 84 19.66 4.57 -1.72
N LEU A 85 20.63 4.78 -0.84
CA LEU A 85 21.90 4.06 -0.89
C LEU A 85 21.72 2.54 -0.78
N LEU A 86 20.69 2.12 -0.05
CA LEU A 86 20.47 0.69 0.19
C LEU A 86 19.97 -0.02 -1.08
N LYS A 87 19.37 0.74 -1.99
CA LYS A 87 18.86 0.19 -3.25
C LYS A 87 20.00 -0.24 -4.16
N GLU A 88 21.15 0.40 -3.99
CA GLU A 88 22.35 0.06 -4.74
C GLU A 88 22.82 -1.35 -4.41
N ILE A 89 22.94 -1.65 -3.11
CA ILE A 89 23.41 -2.95 -2.65
C ILE A 89 22.44 -4.07 -2.99
N ASP A 90 22.99 -5.24 -3.32
CA ASP A 90 22.18 -6.43 -3.56
C ASP A 90 21.68 -7.00 -2.24
N THR A 91 20.81 -6.26 -1.57
CA THR A 91 20.28 -6.65 -0.27
C THR A 91 19.21 -7.74 -0.42
N SER A 92 19.09 -8.58 0.61
CA SER A 92 18.06 -9.62 0.61
C SER A 92 16.66 -9.00 0.69
N THR A 93 15.65 -9.74 0.24
CA THR A 93 14.27 -9.27 0.25
C THR A 93 13.81 -8.92 1.66
N LYS A 94 14.35 -9.65 2.63
CA LYS A 94 14.02 -9.49 4.04
C LYS A 94 14.51 -8.16 4.60
N VAL A 95 15.61 -7.67 4.04
CA VAL A 95 16.12 -6.35 4.38
C VAL A 95 15.23 -5.30 3.71
N ASP A 96 14.85 -5.58 2.47
CA ASP A 96 13.99 -4.70 1.70
C ASP A 96 12.66 -4.48 2.39
N ASN A 97 12.08 -5.54 2.96
CA ASN A 97 10.86 -5.43 3.76
C ASN A 97 11.09 -4.55 4.98
N ALA A 98 12.21 -4.80 5.65
CA ALA A 98 12.57 -4.06 6.84
C ALA A 98 12.69 -2.57 6.54
N MET A 99 13.42 -2.23 5.49
CA MET A 99 13.62 -0.82 5.16
C MET A 99 12.34 -0.19 4.64
N SER A 100 11.53 -0.96 3.92
CA SER A 100 10.23 -0.51 3.44
C SER A 100 9.36 -0.03 4.60
N ARG A 101 9.07 -0.96 5.50
CA ARG A 101 8.24 -0.69 6.68
C ARG A 101 8.77 0.52 7.45
N LEU A 102 10.09 0.60 7.52
CA LEU A 102 10.73 1.71 8.20
C LEU A 102 10.59 3.02 7.44
N LEU A 103 10.70 2.94 6.12
CA LEU A 103 10.51 4.12 5.26
C LEU A 103 9.08 4.64 5.40
N LYS A 104 8.12 3.73 5.34
CA LYS A 104 6.71 4.09 5.46
C LYS A 104 6.41 4.73 6.81
N LYS A 105 6.87 4.08 7.88
CA LYS A 105 6.69 4.56 9.23
C LYS A 105 7.18 6.01 9.35
N TYR A 106 8.37 6.27 8.81
CA TYR A 106 8.96 7.61 8.85
C TYR A 106 8.13 8.66 8.11
N ASP A 107 7.75 8.35 6.87
CA ASP A 107 7.01 9.30 6.03
C ASP A 107 5.68 9.69 6.67
N VAL A 108 4.97 8.70 7.19
CA VAL A 108 3.70 8.94 7.86
C VAL A 108 3.87 9.79 9.11
N LEU A 109 4.82 9.40 9.96
CA LEU A 109 5.11 10.13 11.19
C LEU A 109 5.51 11.58 10.91
N PHE A 110 6.34 11.77 9.89
CA PHE A 110 6.78 13.10 9.50
C PHE A 110 5.62 13.96 9.04
N ALA A 111 4.75 13.39 8.20
CA ALA A 111 3.58 14.09 7.70
C ALA A 111 2.66 14.53 8.82
N LEU A 112 2.33 13.59 9.70
CA LEU A 112 1.50 13.87 10.87
C LEU A 112 2.09 14.98 11.72
N PHE A 113 3.36 14.83 12.10
CA PHE A 113 4.01 15.83 12.93
C PHE A 113 4.07 17.20 12.24
N SER A 114 4.33 17.19 10.93
CA SER A 114 4.34 18.43 10.17
C SER A 114 2.97 19.07 10.26
N LYS A 115 1.95 18.26 10.07
CA LYS A 115 0.57 18.74 10.13
C LYS A 115 0.24 19.28 11.50
N LEU A 116 0.72 18.60 12.54
CA LEU A 116 0.46 19.02 13.91
C LEU A 116 1.08 20.38 14.19
N GLU A 117 2.35 20.53 13.83
CA GLU A 117 3.08 21.76 14.10
C GLU A 117 2.56 22.92 13.26
N ARG A 118 2.09 22.61 12.06
CA ARG A 118 1.53 23.61 11.18
C ARG A 118 0.22 24.16 11.75
N THR A 119 -0.60 23.25 12.29
CA THR A 119 -1.90 23.62 12.84
C THR A 119 -1.77 24.43 14.13
N CYS A 120 -0.75 24.12 14.93
CA CYS A 120 -0.55 24.81 16.20
C CYS A 120 -0.26 26.29 16.06
N GLU A 121 0.53 26.67 15.07
CA GLU A 121 0.86 28.07 14.85
C GLU A 121 -0.35 28.91 14.44
N LEU A 122 -1.45 28.25 14.09
CA LEU A 122 -2.67 28.91 13.68
C LEU A 122 -3.73 28.88 14.77
N ILE A 123 -3.43 28.16 15.85
CA ILE A 123 -4.35 28.05 16.99
C ILE A 123 -3.85 28.90 18.15
N TYR A 124 -2.54 28.86 18.36
CA TYR A 124 -1.91 29.69 19.37
C TYR A 124 -1.15 30.83 18.73
N LEU A 125 -1.46 32.06 19.14
CA LEU A 125 -0.58 33.18 18.87
C LEU A 125 0.71 32.85 19.61
N THR A 126 1.84 33.23 19.03
CA THR A 126 3.13 32.82 19.56
C THR A 126 3.63 33.71 20.70
N GLN A 127 4.62 33.22 21.44
CA GLN A 127 5.21 33.97 22.54
C GLN A 127 6.73 34.07 22.39
N ILE A 136 1.46 27.40 31.46
CA ILE A 136 1.07 26.55 30.35
C ILE A 136 0.96 27.34 29.04
N ASN A 137 1.57 26.83 27.98
CA ASN A 137 1.74 27.57 26.73
C ASN A 137 1.87 26.69 25.48
N SER A 138 1.92 27.33 24.31
CA SER A 138 1.96 26.65 23.01
C SER A 138 3.06 25.58 22.88
N ALA A 139 4.28 25.94 23.24
CA ALA A 139 5.41 25.01 23.14
C ALA A 139 5.15 23.78 24.01
N LEU A 140 4.53 24.00 25.16
CA LEU A 140 4.19 22.89 26.05
C LEU A 140 3.14 21.95 25.46
N VAL A 141 2.04 22.49 24.95
CA VAL A 141 0.98 21.62 24.42
C VAL A 141 1.44 20.83 23.19
N LEU A 142 2.29 21.43 22.35
CA LEU A 142 2.79 20.73 21.18
C LEU A 142 3.54 19.49 21.61
N LYS A 143 4.40 19.64 22.63
CA LYS A 143 5.16 18.52 23.16
C LYS A 143 4.23 17.44 23.73
N VAL A 144 3.27 17.87 24.54
CA VAL A 144 2.39 16.92 25.19
C VAL A 144 1.38 16.30 24.22
N SER A 145 0.94 17.07 23.22
CA SER A 145 -0.01 16.55 22.24
C SER A 145 0.64 15.49 21.39
N TRP A 146 1.88 15.76 20.97
CA TRP A 146 2.60 14.85 20.09
C TRP A 146 2.92 13.53 20.78
N ILE A 147 3.47 13.62 21.99
CA ILE A 147 3.85 12.43 22.73
C ILE A 147 2.60 11.63 23.15
N THR A 148 1.55 12.34 23.49
CA THR A 148 0.27 11.70 23.81
C THR A 148 -0.22 10.93 22.59
N PHE A 149 -0.25 11.62 21.44
CA PHE A 149 -0.69 11.01 20.21
C PHE A 149 0.18 9.82 19.86
N LEU A 150 1.47 9.99 20.11
CA LEU A 150 2.44 8.96 19.78
C LEU A 150 2.10 7.68 20.52
N LEU A 151 1.65 7.83 21.77
CA LEU A 151 1.30 6.68 22.61
C LEU A 151 -0.10 6.18 22.27
N ALA A 152 -1.02 7.12 22.04
CA ALA A 152 -2.38 6.79 21.65
C ALA A 152 -2.39 5.99 20.34
N LYS A 153 -1.54 6.41 19.41
CA LYS A 153 -1.42 5.75 18.12
C LYS A 153 -1.05 4.28 18.29
N GLY A 154 -0.03 4.03 19.12
CA GLY A 154 0.49 2.70 19.32
C GLY A 154 -0.50 1.75 19.97
N GLU A 155 -1.41 2.30 20.76
CA GLU A 155 -2.41 1.48 21.45
C GLU A 155 -3.55 1.08 20.52
N VAL A 156 -4.08 2.04 19.75
CA VAL A 156 -5.25 1.77 18.92
C VAL A 156 -4.92 1.19 17.54
N LEU A 157 -3.80 1.61 16.94
CA LEU A 157 -3.48 1.22 15.57
C LEU A 157 -2.40 0.16 15.47
N GLN A 158 -2.65 -0.85 14.64
CA GLN A 158 -1.68 -1.90 14.40
C GLN A 158 -1.11 -1.78 12.98
N MET A 159 -1.49 -0.73 12.27
CA MET A 159 -1.08 -0.55 10.88
C MET A 159 0.32 0.02 10.74
N GLU A 160 0.63 1.02 11.57
CA GLU A 160 1.91 1.71 11.57
C GLU A 160 2.07 2.70 10.40
N ASP A 161 1.16 2.68 9.45
CA ASP A 161 1.24 3.62 8.31
C ASP A 161 -0.11 4.05 7.74
N ASP A 162 -1.16 3.99 8.56
CA ASP A 162 -2.47 4.47 8.15
C ASP A 162 -2.63 5.95 8.44
N LEU A 163 -2.53 6.77 7.39
CA LEU A 163 -2.62 8.22 7.55
C LEU A 163 -3.94 8.75 8.11
N VAL A 164 -5.07 8.26 7.61
CA VAL A 164 -6.38 8.82 7.98
C VAL A 164 -6.78 8.67 9.44
N ILE A 165 -6.90 7.42 9.90
CA ILE A 165 -7.29 7.14 11.28
C ILE A 165 -6.31 7.79 12.26
N SER A 166 -5.02 7.69 11.95
CA SER A 166 -3.99 8.40 12.71
C SER A 166 -4.30 9.89 12.81
N PHE A 167 -4.62 10.49 11.67
CA PHE A 167 -4.85 11.94 11.64
C PHE A 167 -6.10 12.33 12.40
N GLN A 168 -7.15 11.55 12.26
CA GLN A 168 -8.38 11.78 13.01
C GLN A 168 -8.11 11.61 14.51
N LEU A 169 -7.36 10.58 14.86
CA LEU A 169 -6.90 10.38 16.22
C LEU A 169 -6.14 11.61 16.72
N MET A 170 -5.21 12.11 15.91
CA MET A 170 -4.39 13.26 16.29
C MET A 170 -5.24 14.50 16.47
N LEU A 171 -6.33 14.58 15.72
CA LEU A 171 -7.25 15.69 15.79
C LEU A 171 -7.98 15.64 17.13
N CYS A 172 -8.31 14.43 17.58
CA CYS A 172 -8.93 14.22 18.89
C CYS A 172 -8.01 14.67 20.02
N VAL A 173 -6.76 14.22 19.96
CA VAL A 173 -5.75 14.65 20.92
C VAL A 173 -5.67 16.17 20.96
N LEU A 174 -5.53 16.77 19.78
CA LEU A 174 -5.45 18.22 19.66
C LEU A 174 -6.66 18.89 20.30
N ASP A 175 -7.84 18.36 20.02
CA ASP A 175 -9.08 18.85 20.60
C ASP A 175 -8.99 18.91 22.12
N TYR A 176 -8.52 17.81 22.71
CA TYR A 176 -8.39 17.69 24.15
C TYR A 176 -7.58 18.83 24.77
N PHE A 177 -6.41 19.09 24.19
CA PHE A 177 -5.46 20.03 24.78
C PHE A 177 -5.77 21.50 24.49
N ILE A 178 -6.60 21.75 23.48
CA ILE A 178 -7.02 23.12 23.19
C ILE A 178 -7.95 23.61 24.29
N LYS A 179 -8.84 22.74 24.75
CA LYS A 179 -9.75 23.08 25.84
C LYS A 179 -8.99 23.32 27.13
N LEU A 180 -7.99 22.48 27.38
CA LEU A 180 -7.12 22.63 28.54
C LEU A 180 -6.44 23.99 28.53
N SER A 181 -6.16 24.47 27.34
CA SER A 181 -5.49 25.76 27.18
C SER A 181 -6.39 26.91 27.60
N PRO A 182 -5.81 27.87 28.35
CA PRO A 182 -6.49 29.13 28.67
C PRO A 182 -6.72 29.90 27.37
N PRO A 183 -7.94 30.41 27.16
CA PRO A 183 -8.32 31.04 25.89
C PRO A 183 -7.49 32.27 25.55
N MET A 184 -6.74 32.78 26.53
CA MET A 184 -5.89 33.96 26.32
C MET A 184 -4.90 33.75 25.18
N LEU A 185 -4.23 32.60 25.15
CA LEU A 185 -3.16 32.36 24.18
C LEU A 185 -3.66 31.63 22.93
N LEU A 186 -4.97 31.50 22.82
CA LEU A 186 -5.59 30.92 21.65
C LEU A 186 -5.84 31.98 20.59
N LYS A 187 -5.76 31.59 19.32
CA LYS A 187 -6.08 32.50 18.23
C LYS A 187 -7.59 32.63 18.08
N GLU A 188 -8.02 33.68 17.40
CA GLU A 188 -9.41 34.16 17.50
C GLU A 188 -10.57 33.22 17.10
N PRO A 189 -10.38 32.35 16.09
CA PRO A 189 -11.46 31.39 15.90
C PRO A 189 -11.65 30.52 17.13
N TYR A 190 -10.59 29.86 17.56
CA TYR A 190 -10.64 28.93 18.69
C TYR A 190 -10.83 29.61 20.04
N LYS A 191 -10.29 30.82 20.20
CA LYS A 191 -10.42 31.56 21.46
C LYS A 191 -11.88 31.73 21.85
N THR A 192 -12.64 32.42 21.01
CA THR A 192 -14.07 32.59 21.26
C THR A 192 -14.85 31.38 20.74
N ALA A 193 -14.47 30.20 21.18
CA ALA A 193 -15.10 28.97 20.73
C ALA A 193 -15.08 27.91 21.84
N VAL A 194 -14.01 27.92 22.64
CA VAL A 194 -13.94 27.05 23.81
C VAL A 194 -14.87 27.57 24.91
N ILE A 195 -15.50 28.71 24.65
CA ILE A 195 -16.40 29.33 25.62
C ILE A 195 -17.83 29.35 25.09
N ASP A 198 -17.38 25.58 24.90
CA ASP A 198 -18.36 24.85 24.10
C ASP A 198 -17.68 23.78 23.21
N THR A 199 -18.51 22.90 22.65
CA THR A 199 -18.03 21.76 21.87
C THR A 199 -17.73 22.05 20.40
N ARG A 200 -17.63 23.33 20.05
CA ARG A 200 -17.45 23.71 18.66
C ARG A 200 -16.05 23.39 18.12
N ILE A 201 -15.14 23.03 19.02
CA ILE A 201 -13.74 22.84 18.64
C ILE A 201 -13.52 21.64 17.72
N ILE A 202 -14.16 20.52 18.01
CA ILE A 202 -14.02 19.35 17.15
C ILE A 202 -14.72 19.57 15.81
N GLU A 203 -15.68 20.49 15.78
CA GLU A 203 -16.38 20.81 14.54
C GLU A 203 -15.50 21.70 13.67
N VAL A 204 -14.93 22.73 14.27
CA VAL A 204 -14.05 23.67 13.58
C VAL A 204 -12.89 22.95 12.88
N LEU A 205 -12.31 21.98 13.57
CA LEU A 205 -11.20 21.21 13.01
C LEU A 205 -11.67 20.34 11.84
N CYS A 206 -12.80 19.66 12.03
CA CYS A 206 -13.33 18.79 10.99
C CYS A 206 -13.77 19.59 9.77
N LYS A 207 -14.05 20.88 9.99
CA LYS A 207 -14.37 21.77 8.89
C LYS A 207 -13.09 22.27 8.24
N GLU A 208 -12.16 22.71 9.06
CA GLU A 208 -10.89 23.26 8.60
C GLU A 208 -10.04 22.21 7.88
N HIS A 209 -10.25 20.94 8.21
CA HIS A 209 -9.38 19.88 7.68
C HIS A 209 -10.07 18.86 6.80
N GLU A 210 -11.31 19.16 6.42
CA GLU A 210 -12.08 18.30 5.52
C GLU A 210 -12.24 16.87 6.05
N CYS A 211 -12.60 16.76 7.32
CA CYS A 211 -12.82 15.46 7.93
C CYS A 211 -14.30 15.26 8.20
N ASN A 212 -14.76 14.02 8.12
CA ASN A 212 -16.10 13.69 8.56
C ASN A 212 -16.20 13.89 10.07
N ILE A 213 -17.29 14.51 10.51
CA ILE A 213 -17.50 14.75 11.94
C ILE A 213 -17.89 13.44 12.65
N ASP A 214 -18.48 12.52 11.90
CA ASP A 214 -18.95 11.25 12.45
C ASP A 214 -17.82 10.24 12.52
N GLU A 215 -16.85 10.38 11.62
CA GLU A 215 -15.67 9.50 11.59
C GLU A 215 -14.80 9.79 12.80
N VAL A 216 -14.58 11.08 13.04
CA VAL A 216 -13.77 11.55 14.15
C VAL A 216 -14.43 11.21 15.47
N ALA A 217 -15.71 11.56 15.60
CA ALA A 217 -16.44 11.35 16.84
C ALA A 217 -16.47 9.87 17.25
N ASN A 218 -16.49 8.98 16.27
CA ASN A 218 -16.39 7.56 16.56
C ASN A 218 -15.03 7.19 17.14
N VAL A 219 -13.97 7.77 16.57
CA VAL A 219 -12.62 7.52 17.05
C VAL A 219 -12.44 8.06 18.47
N ALA A 220 -12.99 9.25 18.73
CA ALA A 220 -12.94 9.84 20.07
C ALA A 220 -13.67 8.95 21.08
N PHE A 221 -14.85 8.47 20.72
CA PHE A 221 -15.67 7.68 21.62
C PHE A 221 -15.09 6.28 21.82
N LYS A 222 -14.65 5.65 20.73
CA LYS A 222 -14.21 4.26 20.80
C LYS A 222 -12.75 4.06 21.17
N ASN A 223 -11.91 5.03 20.81
CA ASN A 223 -10.47 4.85 20.89
C ASN A 223 -9.73 5.87 21.73
N PHE A 224 -9.88 7.14 21.38
CA PHE A 224 -9.11 8.19 22.03
C PHE A 224 -9.48 8.39 23.50
N ILE A 225 -10.77 8.62 23.76
CA ILE A 225 -11.24 8.85 25.13
C ILE A 225 -11.02 7.67 26.09
N PRO A 226 -11.34 6.42 25.67
CA PRO A 226 -10.98 5.28 26.51
C PRO A 226 -9.50 5.29 26.88
N PHE A 227 -8.64 5.49 25.89
CA PHE A 227 -7.20 5.53 26.12
C PHE A 227 -6.79 6.58 27.16
N MET A 228 -7.34 7.78 27.03
CA MET A 228 -7.04 8.86 27.98
C MET A 228 -7.48 8.51 29.38
N ASN A 229 -8.55 7.74 29.48
CA ASN A 229 -9.05 7.31 30.78
C ASN A 229 -8.12 6.29 31.44
N SER A 230 -7.21 5.72 30.67
CA SER A 230 -6.18 4.84 31.20
C SER A 230 -4.95 5.66 31.63
N LEU A 231 -5.12 6.98 31.68
CA LEU A 231 -4.02 7.86 32.04
C LEU A 231 -4.36 8.71 33.25
N GLY A 232 -5.43 8.34 33.96
CA GLY A 232 -5.88 9.08 35.12
C GLY A 232 -4.87 9.19 36.24
N LEU A 233 -4.10 8.14 36.45
CA LEU A 233 -3.09 8.11 37.52
C LEU A 233 -1.95 9.08 37.24
N VAL A 234 -1.85 9.53 36.00
CA VAL A 234 -0.73 10.37 35.59
C VAL A 234 -1.21 11.78 35.18
N THR A 235 -2.52 11.99 35.21
CA THR A 235 -3.07 13.31 34.90
C THR A 235 -3.46 14.06 36.16
N SER A 236 -3.01 15.31 36.25
CA SER A 236 -3.49 16.21 37.27
C SER A 236 -3.99 17.47 36.58
N ASN A 237 -5.18 17.92 36.95
CA ASN A 237 -5.77 19.12 36.37
C ASN A 237 -5.94 18.98 34.85
N GLY A 238 -6.29 17.77 34.42
CA GLY A 238 -6.52 17.50 33.01
C GLY A 238 -5.27 17.09 32.24
N LEU A 239 -4.16 17.77 32.51
CA LEU A 239 -2.92 17.57 31.79
C LEU A 239 -2.14 16.34 32.29
N PRO A 240 -1.86 15.40 31.38
CA PRO A 240 -1.01 14.25 31.73
C PRO A 240 0.43 14.68 32.02
N GLU A 241 1.12 13.98 32.90
CA GLU A 241 2.52 14.28 33.20
C GLU A 241 3.40 14.11 31.96
N VAL A 242 3.91 15.22 31.43
CA VAL A 242 4.67 15.20 30.19
C VAL A 242 5.81 14.18 30.22
N GLU A 243 6.51 14.14 31.34
CA GLU A 243 7.72 13.32 31.42
C GLU A 243 7.45 11.84 31.63
N ASN A 244 6.34 11.52 32.26
CA ASN A 244 5.99 10.12 32.48
C ASN A 244 5.62 9.42 31.18
N LEU A 245 4.93 10.15 30.30
CA LEU A 245 4.56 9.62 29.00
C LEU A 245 5.80 9.50 28.14
N SER A 246 6.66 10.52 28.21
CA SER A 246 7.89 10.55 27.45
C SER A 246 8.76 9.33 27.76
N LYS A 247 8.73 8.91 29.02
CA LYS A 247 9.48 7.74 29.44
C LYS A 247 8.77 6.47 28.99
N ARG A 248 7.44 6.52 29.00
CA ARG A 248 6.65 5.38 28.60
C ARG A 248 6.83 5.11 27.11
N TYR A 249 7.00 6.19 26.35
CA TYR A 249 7.24 6.05 24.92
C TYR A 249 8.65 5.55 24.62
N GLU A 250 9.62 6.04 25.38
CA GLU A 250 11.00 5.63 25.18
C GLU A 250 11.15 4.14 25.39
N GLU A 251 10.38 3.59 26.32
CA GLU A 251 10.41 2.15 26.62
C GLU A 251 10.04 1.34 25.39
N ILE A 252 9.09 1.85 24.61
CA ILE A 252 8.63 1.16 23.42
C ILE A 252 9.56 1.39 22.24
N TYR A 253 10.09 2.61 22.14
CA TYR A 253 11.05 2.95 21.10
C TYR A 253 12.31 2.08 21.19
N LEU A 254 12.86 1.94 22.39
CA LEU A 254 14.00 1.07 22.60
C LEU A 254 13.68 -0.39 22.30
N LYS A 255 12.43 -0.79 22.46
CA LYS A 255 12.04 -2.18 22.27
C LYS A 255 11.93 -2.56 20.79
N ASN A 256 11.28 -1.70 20.01
CA ASN A 256 11.10 -1.95 18.59
C ASN A 256 12.39 -1.69 17.81
N LYS A 257 13.30 -0.97 18.45
CA LYS A 257 14.53 -0.48 17.82
C LYS A 257 14.17 0.39 16.62
N ASP A 258 13.04 1.08 16.80
CA ASP A 258 12.37 1.91 15.81
C ASP A 258 13.16 3.18 15.56
N LEU A 259 12.45 4.24 15.22
CA LEU A 259 13.02 5.58 15.31
C LEU A 259 12.35 6.36 16.44
N ASP A 260 13.15 7.10 17.19
CA ASP A 260 12.66 7.89 18.32
C ASP A 260 11.86 9.08 17.81
N ALA A 261 10.54 8.93 17.76
CA ALA A 261 9.71 9.95 17.14
C ALA A 261 9.57 11.23 17.97
N ARG A 262 10.11 11.22 19.20
CA ARG A 262 10.07 12.42 20.02
C ARG A 262 10.96 13.47 19.40
N LEU A 263 11.91 13.02 18.60
CA LEU A 263 12.96 13.89 18.06
C LEU A 263 12.42 14.92 17.07
N PHE A 264 11.21 14.68 16.55
CA PHE A 264 10.57 15.67 15.68
C PHE A 264 10.38 16.99 16.41
N LEU A 265 10.27 16.91 17.73
CA LEU A 265 10.00 18.08 18.55
C LEU A 265 11.18 19.05 18.57
N ASP A 266 12.39 18.52 18.36
CA ASP A 266 13.59 19.35 18.36
C ASP A 266 14.02 19.64 16.93
N HIS A 267 13.18 19.25 15.97
CA HIS A 267 13.53 19.31 14.55
C HIS A 267 14.88 18.66 14.33
N ASP A 268 15.05 17.51 14.96
CA ASP A 268 16.30 16.77 14.93
C ASP A 268 16.72 16.44 13.49
N LYS A 269 18.02 16.54 13.23
CA LYS A 269 18.56 16.35 11.89
C LYS A 269 18.30 14.95 11.33
N THR A 270 18.37 13.95 12.20
CA THR A 270 18.11 12.56 11.82
C THR A 270 16.77 12.41 11.08
N LEU A 271 15.82 13.29 11.39
CA LEU A 271 14.48 13.19 10.82
C LEU A 271 14.16 14.25 9.77
N GLN A 272 15.08 15.18 9.53
CA GLN A 272 14.86 16.18 8.49
C GLN A 272 15.08 15.54 7.13
N THR A 273 14.38 16.04 6.12
CA THR A 273 14.45 15.46 4.78
C THR A 273 15.49 16.17 3.92
N PRO A 299 1.08 19.04 -4.81
CA PRO A 299 -0.11 19.89 -4.96
C PRO A 299 -0.78 20.21 -3.63
N HIS A 300 -0.62 19.30 -2.69
CA HIS A 300 -1.25 19.38 -1.38
C HIS A 300 -0.43 18.45 -0.46
N TPO A 301 -0.16 18.90 0.76
CA TPO A 301 0.55 18.12 1.76
CB TPO A 301 0.71 18.93 3.06
CG2 TPO A 301 1.70 20.09 2.85
OG1 TPO A 301 -0.55 19.45 3.44
P TPO A 301 -0.84 18.95 4.93
O1P TPO A 301 -0.05 19.74 5.92
O2P TPO A 301 -2.39 19.12 5.29
O3P TPO A 301 -0.44 17.40 5.06
C TPO A 301 -0.22 16.83 1.99
O TPO A 301 -1.45 16.83 1.96
N PRO A 302 0.49 15.72 2.28
CA PRO A 302 -0.05 14.37 2.29
C PRO A 302 -1.41 14.15 2.99
N VAL A 303 -1.69 14.84 4.08
CA VAL A 303 -2.95 14.60 4.77
C VAL A 303 -4.14 15.30 4.12
N ARG A 304 -3.97 16.54 3.66
CA ARG A 304 -5.10 17.24 3.04
C ARG A 304 -5.45 16.60 1.71
N THR A 305 -4.43 16.09 1.02
CA THR A 305 -4.62 15.34 -0.21
C THR A 305 -5.63 14.22 0.00
N VAL A 306 -5.29 13.28 0.88
CA VAL A 306 -6.13 12.11 1.10
C VAL A 306 -7.48 12.48 1.74
N MET A 307 -7.50 13.53 2.56
CA MET A 307 -8.74 13.97 3.19
C MET A 307 -9.70 14.55 2.14
N ASN A 308 -9.15 15.16 1.10
CA ASN A 308 -9.97 15.74 0.05
C ASN A 308 -10.61 14.71 -0.85
N THR A 309 -9.83 13.69 -1.24
CA THR A 309 -10.37 12.61 -2.08
C THR A 309 -11.48 11.87 -1.34
N ILE A 310 -11.45 11.91 -0.02
CA ILE A 310 -12.50 11.35 0.81
C ILE A 310 -13.78 12.14 0.66
N GLN A 311 -13.66 13.47 0.65
CA GLN A 311 -14.81 14.32 0.38
C GLN A 311 -15.32 14.09 -1.06
N GLN A 312 -14.39 13.83 -1.97
CA GLN A 312 -14.73 13.52 -3.35
C GLN A 312 -15.59 12.26 -3.41
N LEU A 313 -15.40 11.35 -2.46
CA LEU A 313 -16.21 10.15 -2.40
C LEU A 313 -17.55 10.48 -1.76
N MET A 314 -17.56 11.47 -0.88
CA MET A 314 -18.78 11.90 -0.20
C MET A 314 -19.72 12.66 -1.13
N MET A 315 -19.18 13.26 -2.19
CA MET A 315 -20.01 13.88 -3.21
C MET A 315 -20.77 12.78 -3.95
N ILE A 316 -19.98 11.94 -4.64
CA ILE A 316 -20.46 10.78 -5.39
C ILE A 316 -21.60 10.01 -4.70
N LEU A 317 -21.54 9.94 -3.37
CA LEU A 317 -22.48 9.13 -2.62
C LEU A 317 -23.52 9.95 -1.84
N ASN A 318 -23.63 11.24 -2.13
CA ASN A 318 -24.49 12.12 -1.32
C ASN A 318 -26.00 11.96 -1.62
N SER A 319 -26.40 10.76 -1.99
CA SER A 319 -27.79 10.46 -2.29
C SER A 319 -28.02 8.96 -2.33
N ALA A 320 -26.98 8.19 -2.02
CA ALA A 320 -27.09 6.75 -2.04
C ALA A 320 -27.39 6.26 -0.65
N SER A 321 -28.49 5.54 -0.47
CA SER A 321 -28.79 4.95 0.82
C SER A 321 -27.96 3.68 0.98
N ASP A 322 -27.89 3.18 2.20
CA ASP A 322 -27.23 1.91 2.45
C ASP A 322 -28.16 0.75 2.11
N GLN A 323 -29.32 1.09 1.55
CA GLN A 323 -30.32 0.10 1.18
C GLN A 323 -30.77 0.29 -0.27
N PRO A 324 -31.19 -0.81 -0.92
CA PRO A 324 -31.72 -0.77 -2.29
C PRO A 324 -32.88 0.20 -2.42
N SER A 325 -32.78 1.15 -3.34
CA SER A 325 -33.86 2.10 -3.57
C SER A 325 -35.08 1.40 -4.16
N GLU A 326 -36.19 2.12 -4.28
CA GLU A 326 -37.41 1.51 -4.78
C GLU A 326 -37.28 1.07 -6.25
N ASN A 327 -36.51 1.82 -7.04
CA ASN A 327 -36.26 1.44 -8.44
C ASN A 327 -35.43 0.17 -8.52
N LEU A 328 -34.45 0.06 -7.63
CA LEU A 328 -33.63 -1.14 -7.52
C LEU A 328 -34.53 -2.31 -7.19
N ILE A 329 -35.44 -2.07 -6.25
CA ILE A 329 -36.41 -3.07 -5.84
C ILE A 329 -37.39 -3.42 -6.97
N SER A 330 -37.69 -2.44 -7.82
CA SER A 330 -38.46 -2.70 -9.03
C SER A 330 -37.81 -3.78 -9.87
N TYR A 331 -36.55 -3.56 -10.28
CA TYR A 331 -35.81 -4.54 -11.07
C TYR A 331 -35.79 -5.89 -10.39
N PHE A 332 -35.71 -5.88 -9.06
CA PHE A 332 -35.74 -7.11 -8.29
C PHE A 332 -37.07 -7.83 -8.51
N ASN A 333 -38.17 -7.11 -8.34
CA ASN A 333 -39.50 -7.69 -8.49
C ASN A 333 -39.79 -8.09 -9.93
N ASN A 334 -39.19 -7.35 -10.87
CA ASN A 334 -39.39 -7.62 -12.29
C ASN A 334 -38.51 -8.77 -12.79
N CYS A 335 -37.97 -9.55 -11.87
CA CYS A 335 -37.11 -10.68 -12.23
C CYS A 335 -37.87 -11.99 -12.25
N THR A 336 -37.38 -12.93 -13.05
CA THR A 336 -37.90 -14.29 -13.07
C THR A 336 -37.85 -14.84 -11.66
N VAL A 337 -36.63 -15.09 -11.18
CA VAL A 337 -36.39 -15.40 -9.79
C VAL A 337 -36.05 -14.10 -9.07
N ASN A 338 -36.81 -13.77 -8.02
CA ASN A 338 -36.52 -12.55 -7.26
C ASN A 338 -35.21 -12.70 -6.50
N PRO A 339 -34.22 -11.85 -6.81
CA PRO A 339 -32.88 -11.99 -6.26
C PRO A 339 -32.69 -11.23 -4.94
N LYS A 340 -33.68 -10.45 -4.52
CA LYS A 340 -33.54 -9.55 -3.38
C LYS A 340 -33.11 -10.27 -2.10
N GLU A 341 -33.59 -11.50 -1.93
CA GLU A 341 -33.28 -12.27 -0.74
C GLU A 341 -31.79 -12.60 -0.67
N SER A 342 -31.25 -13.12 -1.77
CA SER A 342 -29.86 -13.53 -1.81
C SER A 342 -28.92 -12.33 -1.77
N ILE A 343 -29.41 -11.19 -2.24
CA ILE A 343 -28.61 -9.98 -2.32
C ILE A 343 -28.44 -9.29 -0.96
N LEU A 344 -29.55 -9.15 -0.24
CA LEU A 344 -29.52 -8.53 1.09
C LEU A 344 -28.71 -9.38 2.07
N LYS A 345 -28.70 -10.69 1.83
CA LYS A 345 -28.05 -11.63 2.71
C LYS A 345 -26.55 -11.66 2.48
N ARG A 346 -26.16 -11.61 1.21
CA ARG A 346 -24.76 -11.58 0.84
C ARG A 346 -24.09 -10.34 1.44
N VAL A 347 -24.79 -9.20 1.36
CA VAL A 347 -24.29 -7.95 1.92
C VAL A 347 -24.08 -8.06 3.44
N LYS A 348 -25.05 -8.66 4.11
CA LYS A 348 -24.95 -8.91 5.55
C LYS A 348 -23.75 -9.81 5.85
N ASP A 349 -23.72 -10.96 5.19
CA ASP A 349 -22.67 -11.94 5.41
C ASP A 349 -21.25 -11.40 5.18
N ILE A 350 -21.11 -10.56 4.15
CA ILE A 350 -19.80 -10.03 3.78
C ILE A 350 -19.35 -8.92 4.73
N GLY A 351 -20.29 -8.09 5.15
CA GLY A 351 -19.99 -7.03 6.11
C GLY A 351 -19.49 -7.58 7.43
N TYR A 352 -19.81 -8.84 7.69
CA TYR A 352 -19.37 -9.51 8.90
C TYR A 352 -17.93 -9.96 8.74
N ILE A 353 -17.64 -10.62 7.63
CA ILE A 353 -16.29 -11.07 7.33
C ILE A 353 -15.37 -9.87 7.11
N PHE A 354 -15.93 -8.81 6.51
CA PHE A 354 -15.18 -7.59 6.24
C PHE A 354 -14.69 -6.90 7.52
N LYS A 355 -15.61 -6.35 8.30
CA LYS A 355 -15.22 -5.53 9.45
C LYS A 355 -14.47 -6.31 10.50
N GLU A 356 -14.55 -7.64 10.43
CA GLU A 356 -13.74 -8.51 11.25
C GLU A 356 -12.31 -8.52 10.73
N LYS A 357 -12.16 -8.85 9.45
CA LYS A 357 -10.85 -8.87 8.80
C LYS A 357 -10.19 -7.49 8.81
N PHE A 358 -11.01 -6.46 8.67
CA PHE A 358 -10.52 -5.09 8.75
C PHE A 358 -9.81 -4.89 10.06
N ALA A 359 -10.52 -5.17 11.15
CA ALA A 359 -9.99 -5.02 12.50
C ALA A 359 -8.73 -5.85 12.73
N LYS A 360 -8.66 -7.03 12.11
CA LYS A 360 -7.49 -7.89 12.26
C LYS A 360 -6.24 -7.23 11.71
N ALA A 361 -6.43 -6.25 10.84
CA ALA A 361 -5.30 -5.62 10.15
C ALA A 361 -5.09 -4.17 10.55
N VAL A 362 -6.12 -3.53 11.08
CA VAL A 362 -6.06 -2.11 11.41
C VAL A 362 -5.98 -1.90 12.92
N GLY A 363 -6.58 -2.81 13.68
CA GLY A 363 -6.59 -2.74 15.13
C GLY A 363 -7.90 -3.26 15.67
N GLN A 364 -7.84 -4.09 16.70
CA GLN A 364 -9.04 -4.74 17.22
C GLN A 364 -10.05 -3.73 17.74
N GLY A 365 -9.56 -2.58 18.19
CA GLY A 365 -10.43 -1.52 18.66
C GLY A 365 -10.94 -0.65 17.53
N CYS A 366 -10.98 -1.21 16.33
CA CYS A 366 -11.38 -0.46 15.14
C CYS A 366 -12.44 -1.18 14.31
N VAL A 367 -13.18 -2.08 14.93
CA VAL A 367 -14.23 -2.81 14.25
C VAL A 367 -15.28 -1.84 13.71
N GLU A 368 -15.53 -0.76 14.44
CA GLU A 368 -16.57 0.20 14.05
C GLU A 368 -16.16 1.10 12.89
N ILE A 369 -14.87 1.39 12.75
CA ILE A 369 -14.44 2.12 11.57
C ILE A 369 -14.43 1.20 10.35
N GLY A 370 -14.13 -0.07 10.56
CA GLY A 370 -14.32 -1.06 9.52
C GLY A 370 -15.78 -1.10 9.10
N SER A 371 -16.66 -0.90 10.07
CA SER A 371 -18.10 -0.85 9.84
C SER A 371 -18.50 0.33 8.96
N GLN A 372 -18.04 1.52 9.32
CA GLN A 372 -18.42 2.72 8.59
C GLN A 372 -17.67 2.88 7.24
N ARG A 373 -16.64 2.07 7.03
CA ARG A 373 -16.02 1.98 5.71
C ARG A 373 -16.90 1.11 4.82
N TYR A 374 -17.29 -0.05 5.35
CA TYR A 374 -18.05 -1.02 4.59
C TYR A 374 -19.42 -0.49 4.17
N LYS A 375 -20.00 0.38 4.98
CA LYS A 375 -21.29 0.97 4.69
C LYS A 375 -21.17 1.80 3.42
N LEU A 376 -20.11 2.60 3.36
CA LEU A 376 -19.80 3.41 2.19
C LEU A 376 -19.71 2.55 0.93
N GLY A 377 -19.04 1.41 1.06
CA GLY A 377 -18.90 0.47 -0.03
C GLY A 377 -20.25 -0.01 -0.50
N VAL A 378 -21.15 -0.29 0.44
CA VAL A 378 -22.48 -0.76 0.10
C VAL A 378 -23.31 0.35 -0.56
N ARG A 379 -23.20 1.58 -0.07
CA ARG A 379 -23.86 2.72 -0.68
C ARG A 379 -23.46 2.86 -2.14
N LEU A 380 -22.15 2.78 -2.41
CA LEU A 380 -21.64 2.80 -3.78
C LEU A 380 -22.15 1.61 -4.58
N TYR A 381 -21.97 0.42 -4.02
CA TYR A 381 -22.34 -0.84 -4.66
C TYR A 381 -23.77 -0.87 -5.18
N TYR A 382 -24.72 -0.44 -4.35
CA TYR A 382 -26.12 -0.40 -4.76
C TYR A 382 -26.34 0.68 -5.81
N ARG A 383 -25.62 1.79 -5.69
CA ARG A 383 -25.74 2.90 -6.62
C ARG A 383 -25.35 2.50 -8.04
N VAL A 384 -24.15 1.95 -8.16
CA VAL A 384 -23.63 1.48 -9.44
C VAL A 384 -24.50 0.37 -10.03
N MET A 385 -25.12 -0.43 -9.18
CA MET A 385 -25.97 -1.52 -9.65
C MET A 385 -27.25 -0.97 -10.27
N GLU A 386 -27.68 0.19 -9.80
CA GLU A 386 -28.87 0.82 -10.35
C GLU A 386 -28.52 1.45 -11.69
N SER A 387 -27.34 2.07 -11.75
CA SER A 387 -26.85 2.67 -12.97
C SER A 387 -26.68 1.61 -14.07
N MET A 388 -26.22 0.42 -13.69
CA MET A 388 -26.00 -0.66 -14.64
C MET A 388 -27.29 -1.19 -15.23
N LEU A 389 -28.21 -1.59 -14.35
CA LEU A 389 -29.50 -2.16 -14.74
C LEU A 389 -30.30 -1.23 -15.65
N LYS A 390 -30.32 0.04 -15.26
CA LYS A 390 -31.00 1.08 -16.02
C LYS A 390 -30.38 1.27 -17.41
N SER A 391 -29.06 1.37 -17.44
CA SER A 391 -28.35 1.50 -18.70
C SER A 391 -28.53 0.26 -19.58
N GLU A 392 -28.76 -0.88 -18.94
CA GLU A 392 -28.94 -2.15 -19.65
C GLU A 392 -30.33 -2.30 -20.27
N GLU A 393 -31.31 -1.55 -19.76
CA GLU A 393 -32.63 -1.62 -20.35
C GLU A 393 -32.77 -0.56 -21.45
N GLU A 394 -31.91 0.45 -21.39
CA GLU A 394 -31.84 1.44 -22.47
C GLU A 394 -31.22 0.78 -23.70
N ARG A 395 -30.61 -0.38 -23.49
CA ARG A 395 -29.89 -1.07 -24.55
C ARG A 395 -30.60 -2.36 -24.98
N LEU A 396 -31.26 -3.01 -24.04
CA LEU A 396 -31.88 -4.31 -24.29
C LEU A 396 -33.41 -4.24 -24.30
N SER A 397 -33.94 -3.11 -23.86
CA SER A 397 -35.38 -2.86 -23.87
C SER A 397 -36.18 -3.90 -23.09
N ILE A 398 -35.59 -4.43 -22.03
CA ILE A 398 -36.29 -5.36 -21.16
C ILE A 398 -36.10 -4.95 -19.70
N GLN A 399 -36.87 -5.58 -18.80
CA GLN A 399 -36.78 -5.25 -17.37
C GLN A 399 -36.50 -6.48 -16.52
N ASN A 400 -36.47 -7.65 -17.16
CA ASN A 400 -36.16 -8.89 -16.46
C ASN A 400 -34.67 -9.20 -16.56
N PHE A 401 -33.89 -8.67 -15.62
CA PHE A 401 -32.45 -8.91 -15.60
C PHE A 401 -32.11 -10.01 -14.61
N SER A 402 -32.66 -11.19 -14.84
CA SER A 402 -32.64 -12.26 -13.84
C SER A 402 -31.36 -13.08 -13.80
N LYS A 403 -30.73 -13.35 -14.95
CA LYS A 403 -29.48 -14.11 -14.89
C LYS A 403 -28.39 -13.27 -14.24
N LEU A 404 -28.34 -11.99 -14.61
CA LEU A 404 -27.40 -11.05 -14.02
C LEU A 404 -27.56 -10.96 -12.51
N LEU A 405 -28.75 -10.55 -12.07
CA LEU A 405 -29.00 -10.23 -10.67
C LEU A 405 -28.98 -11.44 -9.74
N ASN A 406 -28.97 -12.64 -10.30
CA ASN A 406 -28.86 -13.84 -9.49
C ASN A 406 -27.48 -14.50 -9.55
N ASP A 407 -26.64 -13.98 -10.44
CA ASP A 407 -25.26 -14.44 -10.55
C ASP A 407 -24.49 -14.04 -9.29
N ASN A 408 -24.05 -15.04 -8.54
CA ASN A 408 -23.30 -14.79 -7.31
C ASN A 408 -21.94 -14.13 -7.57
N ILE A 409 -21.21 -14.63 -8.56
CA ILE A 409 -19.90 -14.08 -8.89
C ILE A 409 -19.99 -12.62 -9.34
N PHE A 410 -21.06 -12.27 -10.05
CA PHE A 410 -21.24 -10.88 -10.48
C PHE A 410 -21.38 -9.94 -9.30
N HIS A 411 -22.17 -10.34 -8.31
CA HIS A 411 -22.43 -9.47 -7.17
C HIS A 411 -21.20 -9.28 -6.31
N MET A 412 -20.48 -10.36 -6.03
CA MET A 412 -19.25 -10.28 -5.27
C MET A 412 -18.23 -9.38 -5.99
N SER A 413 -18.19 -9.52 -7.31
CA SER A 413 -17.31 -8.69 -8.14
C SER A 413 -17.62 -7.22 -7.95
N LEU A 414 -18.89 -6.87 -8.16
CA LEU A 414 -19.32 -5.48 -8.12
C LEU A 414 -19.13 -4.90 -6.73
N LEU A 415 -19.23 -5.75 -5.72
CA LEU A 415 -19.09 -5.31 -4.34
C LEU A 415 -17.62 -5.13 -3.97
N ALA A 416 -16.80 -6.09 -4.37
CA ALA A 416 -15.36 -6.01 -4.13
C ALA A 416 -14.82 -4.75 -4.78
N CYS A 417 -15.43 -4.38 -5.90
CA CYS A 417 -14.97 -3.24 -6.67
C CYS A 417 -15.36 -1.93 -6.01
N ALA A 418 -16.58 -1.88 -5.50
CA ALA A 418 -17.05 -0.69 -4.82
C ALA A 418 -16.23 -0.48 -3.54
N LEU A 419 -15.92 -1.60 -2.87
CA LEU A 419 -15.12 -1.57 -1.65
C LEU A 419 -13.71 -1.07 -1.92
N GLU A 420 -13.12 -1.53 -3.02
CA GLU A 420 -11.78 -1.13 -3.41
C GLU A 420 -11.67 0.37 -3.64
N VAL A 421 -12.62 0.91 -4.40
CA VAL A 421 -12.70 2.35 -4.60
C VAL A 421 -12.69 3.09 -3.25
N VAL A 422 -13.36 2.50 -2.27
CA VAL A 422 -13.46 3.10 -0.94
C VAL A 422 -12.16 2.94 -0.17
N MET A 423 -11.67 1.71 -0.09
CA MET A 423 -10.44 1.40 0.63
C MET A 423 -9.26 2.21 0.11
N ALA A 424 -9.23 2.42 -1.21
CA ALA A 424 -8.15 3.17 -1.85
C ALA A 424 -8.31 4.66 -1.64
N THR A 425 -9.54 5.12 -1.50
CA THR A 425 -9.82 6.52 -1.26
C THR A 425 -9.29 6.90 0.11
N TYR A 426 -9.29 5.93 1.01
CA TYR A 426 -8.89 6.17 2.39
C TYR A 426 -7.40 5.94 2.65
N SER A 427 -6.74 5.24 1.72
CA SER A 427 -5.31 4.99 1.85
C SER A 427 -4.49 6.13 1.27
N ARG A 428 -3.19 6.12 1.58
CA ARG A 428 -2.23 7.01 0.95
C ARG A 428 -2.10 6.55 -0.50
N SER A 429 -2.24 7.48 -1.44
CA SER A 429 -2.23 7.14 -2.86
C SER A 429 -0.97 6.38 -3.27
N THR A 430 -1.18 5.23 -3.92
CA THR A 430 -0.09 4.36 -4.35
C THR A 430 0.32 4.66 -5.81
N SER A 431 0.80 5.88 -6.02
CA SER A 431 1.13 6.40 -7.37
C SER A 431 -0.10 6.42 -8.27
N SER A 436 4.84 1.35 -1.99
CA SER A 436 4.73 2.38 -0.96
C SER A 436 3.27 2.63 -0.60
N GLY A 437 2.48 1.56 -0.60
CA GLY A 437 1.09 1.63 -0.20
C GLY A 437 0.93 1.01 1.18
N THR A 438 0.28 -0.14 1.25
CA THR A 438 -0.11 -0.73 2.53
C THR A 438 -0.60 -2.18 2.37
N ASP A 439 -0.95 -2.85 3.48
CA ASP A 439 -1.46 -4.23 3.43
C ASP A 439 -2.99 -4.28 3.26
N LEU A 440 -3.61 -3.11 3.32
CA LEU A 440 -5.04 -2.96 3.01
C LEU A 440 -5.18 -2.62 1.53
N SER A 441 -4.05 -2.55 0.85
CA SER A 441 -4.03 -2.25 -0.57
C SER A 441 -4.51 -3.46 -1.34
N PHE A 442 -5.05 -3.22 -2.52
CA PHE A 442 -5.33 -4.29 -3.45
C PHE A 442 -4.06 -5.12 -3.59
N PRO A 443 -4.19 -6.45 -3.50
CA PRO A 443 -5.41 -7.27 -3.49
C PRO A 443 -5.91 -7.70 -2.12
N TRP A 444 -5.96 -6.79 -1.15
CA TRP A 444 -6.46 -7.17 0.17
C TRP A 444 -7.93 -7.56 0.10
N ILE A 445 -8.70 -6.77 -0.65
CA ILE A 445 -10.14 -6.96 -0.72
C ILE A 445 -10.53 -8.26 -1.41
N LEU A 446 -9.61 -8.86 -2.15
CA LEU A 446 -9.92 -10.10 -2.85
C LEU A 446 -9.85 -11.31 -1.93
N ASN A 447 -8.97 -11.26 -0.95
CA ASN A 447 -8.84 -12.36 -0.01
C ASN A 447 -9.94 -12.33 1.04
N VAL A 448 -10.43 -11.12 1.33
CA VAL A 448 -11.56 -10.95 2.25
C VAL A 448 -12.83 -11.60 1.70
N LEU A 449 -13.19 -11.24 0.47
CA LEU A 449 -14.42 -11.73 -0.13
C LEU A 449 -14.26 -13.12 -0.75
N ASN A 450 -13.04 -13.64 -0.70
CA ASN A 450 -12.71 -14.91 -1.34
C ASN A 450 -13.07 -14.91 -2.83
N LEU A 451 -12.69 -13.83 -3.51
CA LEU A 451 -13.01 -13.62 -4.91
C LEU A 451 -11.76 -13.75 -5.81
N LYS A 452 -11.84 -14.61 -6.82
CA LYS A 452 -10.72 -14.78 -7.76
C LYS A 452 -10.48 -13.53 -8.62
N ALA A 453 -9.20 -13.18 -8.79
CA ALA A 453 -8.80 -11.96 -9.48
C ALA A 453 -9.33 -11.82 -10.91
N PHE A 454 -9.31 -12.92 -11.65
CA PHE A 454 -9.84 -12.93 -13.01
C PHE A 454 -11.30 -12.45 -13.01
N ASP A 455 -12.11 -13.09 -12.18
CA ASP A 455 -13.52 -12.72 -12.03
C ASP A 455 -13.68 -11.24 -11.66
N PHE A 456 -12.82 -10.76 -10.78
CA PHE A 456 -12.84 -9.36 -10.39
C PHE A 456 -12.55 -8.45 -11.57
N TYR A 457 -11.59 -8.83 -12.41
CA TYR A 457 -11.18 -8.02 -13.55
C TYR A 457 -12.33 -7.74 -14.52
N LYS A 458 -13.15 -8.76 -14.78
CA LYS A 458 -14.22 -8.65 -15.77
C LYS A 458 -15.22 -7.53 -15.46
N VAL A 459 -15.30 -7.12 -14.20
CA VAL A 459 -16.26 -6.09 -13.79
C VAL A 459 -15.71 -4.68 -13.85
N ILE A 460 -14.38 -4.53 -13.92
CA ILE A 460 -13.76 -3.22 -13.79
C ILE A 460 -14.25 -2.25 -14.86
N GLU A 461 -14.23 -2.70 -16.11
CA GLU A 461 -14.63 -1.87 -17.23
C GLU A 461 -16.07 -1.38 -17.07
N SER A 462 -17.01 -2.30 -16.84
CA SER A 462 -18.41 -1.92 -16.69
C SER A 462 -18.67 -1.06 -15.46
N PHE A 463 -17.83 -1.24 -14.44
CA PHE A 463 -17.93 -0.43 -13.22
C PHE A 463 -17.57 1.02 -13.50
N ILE A 464 -16.40 1.23 -14.12
CA ILE A 464 -15.94 2.57 -14.46
C ILE A 464 -16.97 3.30 -15.30
N LYS A 465 -17.57 2.59 -16.25
CA LYS A 465 -18.56 3.20 -17.14
C LYS A 465 -19.89 3.43 -16.45
N ALA A 466 -20.28 2.50 -15.59
CA ALA A 466 -21.55 2.62 -14.88
C ALA A 466 -21.51 3.77 -13.86
N GLU A 467 -20.32 4.06 -13.36
CA GLU A 467 -20.16 5.19 -12.44
C GLU A 467 -19.44 6.34 -13.11
N GLY A 468 -20.23 7.22 -13.72
CA GLY A 468 -19.68 8.37 -14.45
C GLY A 468 -19.07 9.43 -13.55
N ASN A 469 -19.11 9.22 -12.24
CA ASN A 469 -18.59 10.21 -11.32
C ASN A 469 -17.27 9.85 -10.63
N LEU A 470 -16.69 8.70 -10.98
CA LEU A 470 -15.37 8.34 -10.47
C LEU A 470 -14.39 9.41 -10.89
N THR A 471 -13.56 9.86 -9.96
CA THR A 471 -12.51 10.81 -10.29
C THR A 471 -11.50 10.13 -11.19
N ARG A 472 -10.65 10.93 -11.82
CA ARG A 472 -9.60 10.40 -12.69
C ARG A 472 -8.64 9.49 -11.91
N GLU A 473 -8.38 9.86 -10.67
CA GLU A 473 -7.48 9.10 -9.80
C GLU A 473 -8.04 7.71 -9.49
N MET A 474 -9.32 7.66 -9.16
CA MET A 474 -10.01 6.40 -8.90
C MET A 474 -10.00 5.50 -10.13
N ILE A 475 -10.27 6.09 -11.29
CA ILE A 475 -10.20 5.37 -12.56
C ILE A 475 -8.78 4.81 -12.74
N LYS A 476 -7.80 5.69 -12.57
CA LYS A 476 -6.40 5.32 -12.72
C LYS A 476 -5.97 4.21 -11.75
N HIS A 477 -6.49 4.26 -10.53
CA HIS A 477 -6.19 3.21 -9.55
C HIS A 477 -6.79 1.85 -9.94
N LEU A 478 -8.05 1.87 -10.38
CA LEU A 478 -8.70 0.65 -10.85
C LEU A 478 -7.98 0.04 -12.05
N GLU A 479 -7.53 0.90 -12.95
CA GLU A 479 -6.78 0.44 -14.11
C GLU A 479 -5.48 -0.26 -13.68
N ARG A 480 -4.81 0.30 -12.68
CA ARG A 480 -3.62 -0.34 -12.11
C ARG A 480 -3.96 -1.67 -11.44
N CYS A 481 -5.14 -1.74 -10.83
CA CYS A 481 -5.60 -3.01 -10.25
C CYS A 481 -5.73 -4.05 -11.35
N GLU A 482 -6.30 -3.64 -12.47
CA GLU A 482 -6.45 -4.51 -13.63
C GLU A 482 -5.07 -4.94 -14.13
N HIS A 483 -4.10 -4.02 -14.08
CA HIS A 483 -2.72 -4.33 -14.47
C HIS A 483 -2.09 -5.44 -13.63
N ARG A 484 -2.39 -5.45 -12.34
CA ARG A 484 -1.81 -6.48 -11.47
C ARG A 484 -2.45 -7.84 -11.70
N ILE A 485 -3.75 -7.84 -11.96
CA ILE A 485 -4.45 -9.07 -12.29
C ILE A 485 -3.89 -9.64 -13.59
N MET A 486 -3.68 -8.76 -14.55
CA MET A 486 -3.09 -9.16 -15.83
C MET A 486 -1.64 -9.64 -15.69
N GLU A 487 -0.85 -8.95 -14.87
CA GLU A 487 0.58 -9.25 -14.78
C GLU A 487 0.90 -10.47 -13.90
N SER A 488 0.05 -10.74 -12.90
CA SER A 488 0.33 -11.86 -12.01
C SER A 488 -0.90 -12.54 -11.42
N LEU A 489 -1.79 -11.75 -10.84
CA LEU A 489 -2.88 -12.28 -10.01
C LEU A 489 -3.76 -13.33 -10.69
N ALA A 490 -4.18 -13.08 -11.93
CA ALA A 490 -5.01 -14.04 -12.65
C ALA A 490 -4.23 -15.30 -13.00
N TRP A 491 -2.92 -15.26 -12.85
CA TRP A 491 -2.07 -16.39 -13.21
C TRP A 491 -1.71 -17.23 -11.99
N LEU A 492 -2.30 -16.89 -10.84
CA LEU A 492 -2.13 -17.66 -9.61
C LEU A 492 -2.68 -19.09 -9.78
N SER A 493 -2.15 -20.02 -9.00
CA SER A 493 -2.43 -21.45 -9.20
C SER A 493 -3.92 -21.79 -9.17
N ASP A 494 -4.64 -21.25 -8.20
CA ASP A 494 -6.08 -21.44 -8.16
C ASP A 494 -6.73 -20.26 -8.87
N SER A 495 -7.02 -20.44 -10.15
CA SER A 495 -7.57 -19.36 -10.97
C SER A 495 -8.27 -19.91 -12.19
N PRO A 496 -9.49 -19.40 -12.45
CA PRO A 496 -10.35 -19.82 -13.56
C PRO A 496 -9.63 -19.80 -14.91
N LEU A 497 -8.71 -18.84 -15.05
CA LEU A 497 -7.97 -18.62 -16.28
C LEU A 497 -7.43 -19.90 -16.94
N PHE A 498 -6.87 -20.78 -16.13
CA PHE A 498 -6.24 -22.00 -16.65
C PHE A 498 -7.25 -22.99 -17.21
N ASP A 499 -8.53 -22.81 -16.86
CA ASP A 499 -9.58 -23.63 -17.42
C ASP A 499 -10.13 -23.04 -18.72
N LEU A 500 -10.17 -21.72 -18.79
CA LEU A 500 -10.50 -21.05 -20.04
C LEU A 500 -9.44 -21.38 -21.10
N ILE A 501 -8.21 -21.54 -20.66
CA ILE A 501 -7.10 -21.90 -21.53
C ILE A 501 -7.16 -23.38 -21.93
N LYS A 502 -7.40 -24.25 -20.96
CA LYS A 502 -7.56 -25.68 -21.24
C LYS A 502 -8.73 -25.93 -22.19
N GLN A 503 -9.87 -25.29 -21.90
CA GLN A 503 -11.07 -25.45 -22.70
C GLN A 503 -11.06 -24.56 -23.94
N SER A 504 -9.85 -24.22 -24.38
CA SER A 504 -9.67 -23.54 -25.64
C SER A 504 -8.63 -24.32 -26.42
N LYS A 505 -7.96 -25.23 -25.73
CA LYS A 505 -7.06 -26.17 -26.39
C LYS A 505 -7.87 -27.23 -27.12
N ASP A 506 -8.56 -26.79 -28.18
CA ASP A 506 -9.27 -27.66 -29.09
C ASP A 506 -9.27 -27.03 -30.48
N ARG A 507 -9.76 -25.78 -30.55
CA ARG A 507 -9.76 -25.00 -31.78
C ARG A 507 -9.65 -23.50 -31.45
N LYS A 512 -15.39 -22.00 -27.82
CA LYS A 512 -16.30 -20.87 -27.70
C LYS A 512 -15.62 -19.67 -27.03
N SER A 513 -14.30 -19.60 -27.14
CA SER A 513 -13.48 -18.71 -26.33
C SER A 513 -13.54 -17.23 -26.71
N THR A 514 -14.00 -16.40 -25.77
CA THR A 514 -14.17 -14.98 -26.03
C THR A 514 -13.76 -14.11 -24.83
N SER A 515 -13.97 -14.63 -23.62
CA SER A 515 -13.46 -13.98 -22.42
C SER A 515 -11.94 -14.13 -22.43
N LEU A 516 -11.51 -15.29 -22.90
CA LEU A 516 -10.11 -15.63 -22.95
C LEU A 516 -9.34 -14.75 -23.95
N SER A 517 -10.03 -14.30 -25.00
CA SER A 517 -9.38 -13.55 -26.06
C SER A 517 -9.24 -12.06 -25.74
N LEU A 518 -10.24 -11.49 -25.08
CA LEU A 518 -10.16 -10.07 -24.73
C LEU A 518 -9.11 -9.89 -23.65
N PHE A 519 -8.96 -10.91 -22.81
CA PHE A 519 -7.97 -10.92 -21.74
C PHE A 519 -6.56 -10.93 -22.35
N TYR A 520 -6.32 -11.91 -23.21
CA TYR A 520 -5.02 -12.06 -23.87
C TYR A 520 -4.67 -10.80 -24.66
N LYS A 521 -5.68 -10.14 -25.21
CA LYS A 521 -5.43 -8.93 -25.97
C LYS A 521 -4.97 -7.81 -25.05
N LYS A 522 -5.47 -7.84 -23.81
CA LYS A 522 -5.10 -6.82 -22.83
C LYS A 522 -3.73 -7.10 -22.20
N VAL A 523 -3.40 -8.38 -22.03
CA VAL A 523 -2.09 -8.79 -21.53
C VAL A 523 -1.01 -8.39 -22.52
N TYR A 524 -1.22 -8.73 -23.78
CA TYR A 524 -0.30 -8.41 -24.86
C TYR A 524 0.01 -6.91 -24.93
N ARG A 525 -1.02 -6.09 -24.78
CA ARG A 525 -0.83 -4.64 -24.83
C ARG A 525 0.11 -4.20 -23.71
N LEU A 526 -0.10 -4.79 -22.54
CA LEU A 526 0.70 -4.49 -21.36
C LEU A 526 2.12 -5.00 -21.58
N ALA A 527 2.21 -6.26 -22.00
CA ALA A 527 3.48 -6.93 -22.21
C ALA A 527 4.34 -6.24 -23.28
N TYR A 528 3.72 -5.85 -24.38
CA TYR A 528 4.48 -5.21 -25.45
C TYR A 528 4.89 -3.79 -25.08
N LEU A 529 4.00 -3.07 -24.41
CA LEU A 529 4.30 -1.71 -23.97
C LEU A 529 5.52 -1.71 -23.07
N ARG A 530 5.60 -2.68 -22.18
CA ARG A 530 6.73 -2.79 -21.28
C ARG A 530 7.98 -3.26 -22.01
N LEU A 531 7.81 -4.29 -22.83
CA LEU A 531 8.91 -4.86 -23.61
C LEU A 531 9.56 -3.83 -24.49
N ASN A 532 8.77 -2.87 -24.95
CA ASN A 532 9.24 -1.89 -25.92
C ASN A 532 10.05 -0.74 -25.31
N THR A 533 9.63 -0.25 -24.15
CA THR A 533 10.39 0.82 -23.51
C THR A 533 11.73 0.26 -23.03
N LEU A 534 11.71 -1.02 -22.63
CA LEU A 534 12.92 -1.72 -22.26
C LEU A 534 13.85 -1.86 -23.46
N CYS A 535 13.28 -2.20 -24.61
CA CYS A 535 14.06 -2.43 -25.81
C CYS A 535 14.72 -1.16 -26.33
N GLU A 536 13.99 -0.04 -26.26
CA GLU A 536 14.51 1.24 -26.75
C GLU A 536 15.62 1.78 -25.86
N ARG A 537 15.58 1.43 -24.57
CA ARG A 537 16.60 1.89 -23.64
C ARG A 537 17.85 1.04 -23.75
N LEU A 538 17.66 -0.27 -23.85
CA LEU A 538 18.78 -1.22 -23.79
C LEU A 538 19.26 -1.75 -25.14
N LEU A 539 18.47 -1.59 -26.19
CA LEU A 539 18.82 -2.21 -27.47
C LEU A 539 18.58 -1.30 -28.68
N SER A 540 19.03 -0.05 -28.60
CA SER A 540 18.97 0.86 -29.72
C SER A 540 19.76 0.31 -30.89
N GLU A 541 20.93 -0.24 -30.58
CA GLU A 541 21.87 -0.67 -31.59
C GLU A 541 21.50 -2.02 -32.20
N HIS A 542 20.44 -2.64 -31.68
CA HIS A 542 19.95 -3.87 -32.27
C HIS A 542 18.42 -3.92 -32.27
N PRO A 543 17.78 -3.06 -33.06
CA PRO A 543 16.32 -3.00 -33.07
C PRO A 543 15.70 -4.24 -33.70
N GLU A 544 16.50 -5.04 -34.39
CA GLU A 544 15.98 -6.23 -35.06
C GLU A 544 15.65 -7.33 -34.07
N LEU A 545 16.11 -7.17 -32.82
CA LEU A 545 15.91 -8.17 -31.77
C LEU A 545 14.51 -8.11 -31.17
N GLU A 546 13.98 -6.89 -31.08
CA GLU A 546 12.71 -6.66 -30.39
C GLU A 546 11.58 -7.57 -30.84
N HIS A 547 11.32 -7.59 -32.14
CA HIS A 547 10.25 -8.42 -32.67
C HIS A 547 10.53 -9.91 -32.43
N ILE A 548 11.80 -10.27 -32.44
CA ILE A 548 12.20 -11.65 -32.21
C ILE A 548 11.85 -12.04 -30.78
N ILE A 549 12.22 -11.19 -29.84
CA ILE A 549 11.90 -11.38 -28.42
C ILE A 549 10.39 -11.51 -28.24
N TRP A 550 9.65 -10.57 -28.81
CA TRP A 550 8.19 -10.53 -28.74
C TRP A 550 7.52 -11.80 -29.28
N THR A 551 8.12 -12.41 -30.30
CA THR A 551 7.63 -13.69 -30.81
C THR A 551 7.80 -14.79 -29.76
N LEU A 552 8.95 -14.80 -29.10
CA LEU A 552 9.22 -15.78 -28.05
C LEU A 552 8.35 -15.53 -26.82
N PHE A 553 8.14 -14.26 -26.51
CA PHE A 553 7.28 -13.85 -25.41
C PHE A 553 5.87 -14.35 -25.67
N GLN A 554 5.34 -14.03 -26.85
CA GLN A 554 4.02 -14.47 -27.26
C GLN A 554 3.90 -15.99 -27.22
N HIS A 555 4.90 -16.67 -27.78
CA HIS A 555 4.92 -18.12 -27.81
C HIS A 555 4.78 -18.72 -26.42
N THR A 556 5.44 -18.09 -25.44
CA THR A 556 5.42 -18.57 -24.06
C THR A 556 4.05 -18.37 -23.39
N LEU A 557 3.51 -17.17 -23.51
CA LEU A 557 2.20 -16.86 -22.93
C LEU A 557 1.10 -17.75 -23.52
N GLN A 558 1.32 -18.23 -24.74
CA GLN A 558 0.30 -18.99 -25.45
C GLN A 558 0.52 -20.50 -25.37
N ASN A 559 1.73 -20.94 -25.64
CA ASN A 559 2.02 -22.37 -25.74
C ASN A 559 2.80 -22.93 -24.55
N GLU A 560 3.12 -22.07 -23.59
CA GLU A 560 3.87 -22.49 -22.42
C GLU A 560 3.31 -21.78 -21.19
N TYR A 561 2.01 -21.52 -21.22
CA TYR A 561 1.33 -20.71 -20.20
C TYR A 561 1.57 -21.25 -18.80
N GLU A 562 1.69 -22.58 -18.69
CA GLU A 562 1.95 -23.26 -17.42
C GLU A 562 3.35 -22.95 -16.87
N LEU A 563 3.88 -21.79 -17.26
CA LEU A 563 5.17 -21.32 -16.78
C LEU A 563 4.89 -20.01 -16.07
N MET A 564 3.72 -19.45 -16.38
CA MET A 564 3.25 -18.23 -15.76
C MET A 564 2.57 -18.54 -14.44
N ARG A 565 2.44 -19.84 -14.14
CA ARG A 565 1.70 -20.28 -12.95
C ARG A 565 2.36 -19.80 -11.65
N ASP A 566 1.68 -18.88 -10.97
CA ASP A 566 2.17 -18.20 -9.78
C ASP A 566 3.45 -17.42 -10.02
N ARG A 567 3.65 -16.99 -11.27
CA ARG A 567 4.78 -16.16 -11.61
C ARG A 567 4.32 -14.78 -12.07
N HIS A 568 5.23 -14.01 -12.64
CA HIS A 568 4.94 -12.63 -13.02
C HIS A 568 5.26 -12.42 -14.49
N LEU A 569 4.40 -11.65 -15.16
CA LEU A 569 4.52 -11.37 -16.59
C LEU A 569 5.89 -10.78 -16.94
N ASP A 570 6.34 -9.85 -16.12
CA ASP A 570 7.63 -9.17 -16.32
C ASP A 570 8.82 -10.12 -16.18
N GLN A 571 8.60 -11.24 -15.51
CA GLN A 571 9.67 -12.22 -15.36
C GLN A 571 9.83 -12.99 -16.66
N ILE A 572 8.71 -13.21 -17.35
CA ILE A 572 8.72 -13.87 -18.64
C ILE A 572 9.21 -12.90 -19.72
N MET A 573 9.03 -11.61 -19.46
CA MET A 573 9.55 -10.58 -20.34
C MET A 573 11.07 -10.50 -20.27
N MET A 574 11.59 -10.31 -19.06
CA MET A 574 13.02 -10.18 -18.85
C MET A 574 13.78 -11.41 -19.31
N CYS A 575 13.24 -12.60 -19.03
CA CYS A 575 13.86 -13.83 -19.49
C CYS A 575 13.85 -13.95 -21.01
N SER A 576 12.84 -13.39 -21.65
CA SER A 576 12.75 -13.43 -23.11
C SER A 576 13.81 -12.55 -23.78
N MET A 577 14.02 -11.35 -23.25
CA MET A 577 15.09 -10.48 -23.73
C MET A 577 16.43 -11.20 -23.65
N TYR A 578 16.74 -11.71 -22.47
CA TYR A 578 18.02 -12.37 -22.22
C TYR A 578 18.20 -13.61 -23.09
N GLY A 579 17.19 -14.48 -23.08
CA GLY A 579 17.25 -15.73 -23.84
C GLY A 579 17.52 -15.56 -25.31
N ILE A 580 16.98 -14.50 -25.90
CA ILE A 580 17.16 -14.24 -27.33
C ILE A 580 18.50 -13.57 -27.60
N CYS A 581 18.83 -12.57 -26.79
CA CYS A 581 20.11 -11.88 -26.90
C CYS A 581 21.29 -12.85 -26.88
N LYS A 582 21.16 -13.92 -26.11
CA LYS A 582 22.23 -14.90 -26.01
C LYS A 582 22.42 -15.70 -27.29
N VAL A 583 21.33 -16.24 -27.83
CA VAL A 583 21.42 -17.04 -29.06
C VAL A 583 21.77 -16.20 -30.29
N LYS A 584 21.85 -14.88 -30.10
CA LYS A 584 22.29 -13.99 -31.16
C LYS A 584 23.53 -13.20 -30.72
N ASN A 585 24.17 -13.72 -29.66
CA ASN A 585 25.48 -13.24 -29.20
C ASN A 585 25.61 -11.76 -28.92
N ILE A 586 24.58 -11.15 -28.34
CA ILE A 586 24.69 -9.76 -27.92
C ILE A 586 24.97 -9.70 -26.44
N ASP A 587 25.90 -8.84 -26.04
CA ASP A 587 26.23 -8.67 -24.63
C ASP A 587 25.11 -7.93 -23.91
N LEU A 588 24.19 -8.69 -23.33
CA LEU A 588 23.16 -8.13 -22.45
C LEU A 588 23.01 -9.01 -21.22
N LYS A 589 23.78 -8.69 -20.18
CA LYS A 589 23.71 -9.45 -18.93
C LYS A 589 22.54 -9.01 -18.05
N PHE A 590 22.09 -9.91 -17.18
CA PHE A 590 20.87 -9.72 -16.41
C PHE A 590 20.87 -8.49 -15.50
N LYS A 591 22.04 -8.17 -14.96
CA LYS A 591 22.20 -6.98 -14.11
C LYS A 591 21.75 -5.73 -14.85
N ILE A 592 22.09 -5.67 -16.14
CA ILE A 592 21.71 -4.55 -17.00
C ILE A 592 20.19 -4.53 -17.19
N ILE A 593 19.65 -5.67 -17.61
CA ILE A 593 18.21 -5.85 -17.78
C ILE A 593 17.44 -5.44 -16.54
N VAL A 594 17.91 -5.94 -15.39
CA VAL A 594 17.24 -5.75 -14.12
C VAL A 594 17.32 -4.31 -13.62
N THR A 595 18.39 -3.62 -13.97
CA THR A 595 18.54 -2.22 -13.56
C THR A 595 17.54 -1.36 -14.30
N ALA A 596 17.40 -1.61 -15.60
CA ALA A 596 16.42 -0.90 -16.42
C ALA A 596 15.02 -1.21 -15.94
N TYR A 597 14.80 -2.45 -15.53
CA TYR A 597 13.50 -2.89 -15.05
C TYR A 597 13.00 -2.07 -13.87
N LYS A 598 13.91 -1.69 -12.98
CA LYS A 598 13.54 -0.94 -11.79
C LYS A 598 12.91 0.43 -12.10
N ASP A 599 13.23 0.99 -13.26
CA ASP A 599 12.76 2.32 -13.61
C ASP A 599 11.38 2.31 -14.25
N LEU A 600 10.87 1.12 -14.54
CA LEU A 600 9.52 0.97 -15.05
C LEU A 600 8.51 1.43 -13.98
N PRO A 601 7.46 2.14 -14.42
CA PRO A 601 6.40 2.81 -13.64
C PRO A 601 6.04 2.20 -12.29
N HIS A 602 5.87 0.89 -12.22
CA HIS A 602 5.44 0.27 -10.97
C HIS A 602 6.21 -1.01 -10.62
N ALA A 603 7.41 -1.16 -11.17
CA ALA A 603 8.19 -2.37 -10.96
C ALA A 603 8.76 -2.42 -9.55
N VAL A 604 8.82 -3.62 -8.98
CA VAL A 604 9.36 -3.81 -7.65
C VAL A 604 10.48 -4.85 -7.65
N GLN A 605 11.50 -4.62 -6.83
CA GLN A 605 12.69 -5.47 -6.84
C GLN A 605 12.38 -6.95 -6.64
N GLU A 606 11.40 -7.23 -5.81
CA GLU A 606 11.09 -8.61 -5.44
C GLU A 606 10.78 -9.46 -6.67
N THR A 607 10.45 -8.79 -7.78
CA THR A 607 10.07 -9.47 -9.02
C THR A 607 11.25 -10.18 -9.68
N PHE A 608 12.45 -9.66 -9.49
CA PHE A 608 13.65 -10.33 -9.99
C PHE A 608 14.49 -10.97 -8.88
N LYS A 609 14.28 -10.55 -7.63
CA LYS A 609 14.98 -11.14 -6.49
C LYS A 609 14.36 -12.45 -6.05
N ARG A 610 13.04 -12.56 -6.23
CA ARG A 610 12.29 -13.69 -5.69
C ARG A 610 11.37 -14.31 -6.75
N VAL A 611 11.85 -15.38 -7.38
CA VAL A 611 11.11 -16.02 -8.48
C VAL A 611 10.93 -17.51 -8.23
N LEU A 612 9.70 -18.00 -8.44
CA LEU A 612 9.38 -19.40 -8.22
C LEU A 612 10.13 -20.32 -9.17
N ILE A 613 10.94 -21.21 -8.61
CA ILE A 613 11.72 -22.16 -9.39
C ILE A 613 11.04 -23.52 -9.41
N LYS A 614 10.90 -24.10 -8.22
CA LYS A 614 10.12 -25.31 -8.03
C LYS A 614 9.06 -24.94 -7.01
N GLU A 615 8.05 -25.77 -6.85
CA GLU A 615 6.93 -25.43 -5.98
C GLU A 615 7.36 -25.15 -4.54
N GLU A 616 6.99 -23.96 -4.07
CA GLU A 616 7.41 -23.43 -2.77
C GLU A 616 8.92 -23.17 -2.66
N GLU A 617 9.59 -23.07 -3.82
CA GLU A 617 11.02 -22.74 -3.86
C GLU A 617 11.29 -21.45 -4.63
N TYR A 618 11.81 -20.44 -3.94
CA TYR A 618 12.04 -19.13 -4.57
C TYR A 618 13.52 -18.76 -4.67
N ASP A 619 13.92 -18.29 -5.85
CA ASP A 619 15.27 -17.82 -6.07
C ASP A 619 15.28 -16.54 -6.91
N SER A 620 16.40 -16.30 -7.59
CA SER A 620 16.53 -15.12 -8.44
C SER A 620 16.11 -15.42 -9.87
N ILE A 621 15.89 -14.37 -10.64
CA ILE A 621 15.41 -14.52 -12.00
C ILE A 621 16.46 -15.22 -12.87
N ILE A 622 17.73 -15.05 -12.51
CA ILE A 622 18.81 -15.69 -13.25
C ILE A 622 18.77 -17.20 -13.04
N VAL A 623 18.64 -17.61 -11.78
CA VAL A 623 18.45 -19.00 -11.42
C VAL A 623 17.22 -19.54 -12.14
N PHE A 624 16.18 -18.72 -12.22
CA PHE A 624 14.98 -19.08 -12.95
C PHE A 624 15.23 -19.26 -14.44
N TYR A 625 16.03 -18.35 -15.00
CA TYR A 625 16.34 -18.40 -16.42
C TYR A 625 16.97 -19.74 -16.81
N ASN A 626 17.95 -20.17 -16.01
CA ASN A 626 18.74 -21.35 -16.36
C ASN A 626 18.07 -22.70 -16.07
N SER A 627 17.33 -22.78 -14.98
CA SER A 627 16.75 -24.06 -14.54
C SER A 627 15.37 -24.37 -15.14
N VAL A 628 14.53 -23.36 -15.27
CA VAL A 628 13.15 -23.57 -15.73
C VAL A 628 12.88 -22.95 -17.10
N PHE A 629 13.07 -21.64 -17.21
CA PHE A 629 12.74 -20.91 -18.44
C PHE A 629 13.45 -21.46 -19.68
N MET A 630 14.68 -21.91 -19.52
CA MET A 630 15.43 -22.49 -20.64
C MET A 630 15.13 -23.99 -20.82
N GLN A 631 14.64 -24.62 -19.76
CA GLN A 631 14.31 -26.05 -19.83
C GLN A 631 13.12 -26.31 -20.77
N ARG A 632 12.10 -25.45 -20.69
CA ARG A 632 10.91 -25.62 -21.51
C ARG A 632 11.07 -25.03 -22.92
N LEU A 633 11.95 -24.05 -23.06
CA LEU A 633 12.06 -23.30 -24.30
C LEU A 633 13.35 -23.54 -25.06
N LYS A 634 14.14 -24.52 -24.61
CA LYS A 634 15.41 -24.85 -25.28
C LYS A 634 15.15 -25.11 -26.76
N THR A 635 14.32 -26.10 -27.05
CA THR A 635 14.00 -26.45 -28.43
C THR A 635 13.00 -25.51 -29.07
N ASN A 636 13.04 -24.23 -28.70
CA ASN A 636 12.28 -23.21 -29.41
C ASN A 636 13.17 -22.04 -29.76
N ILE A 637 14.12 -21.74 -28.86
CA ILE A 637 15.09 -20.69 -29.09
C ILE A 637 16.20 -21.22 -30.02
N LEU A 638 16.05 -22.47 -30.46
CA LEU A 638 16.93 -23.05 -31.47
C LEU A 638 16.82 -22.28 -32.79
N GLN A 639 15.60 -21.89 -33.12
CA GLN A 639 15.27 -21.31 -34.43
C GLN A 639 15.94 -19.96 -34.69
N TYR A 640 16.63 -19.43 -33.70
CA TYR A 640 17.04 -18.03 -33.70
C TYR A 640 18.56 -17.90 -33.69
#